data_3E57
#
_entry.id   3E57
#
_cell.length_a   47.589
_cell.length_b   62.879
_cell.length_c   73.896
_cell.angle_alpha   90.000
_cell.angle_beta   98.370
_cell.angle_gamma   90.000
#
_symmetry.space_group_name_H-M   'P 1 21 1'
#
loop_
_entity.id
_entity.type
_entity.pdbx_description
1 polymer 'uncharacterized protein  Tm1382'
2 water water
#
_entity_poly.entity_id   1
_entity_poly.type   'polypeptide(L)'
_entity_poly.pdbx_seq_one_letter_code
;MGSDKIHHHHHHMKSERILVVKTEDFLKEFGEFEGFMRVNFEDFLNFLDQYGFFRERDEAEYDETTKQVIPYVVIMDGDR
VLITKRTTKQSEKRLHNLYSLGIGGHVREGDGATPREAFLKGLEREVNEEVDVSLRELEFLGLINSSTTEVSRVHLGALF
LGRGKFFSVKEKDLFEWELIKLEELEKFSGVMEGWSKISAAVLLNLFLTQN
;
_entity_poly.pdbx_strand_id   A,B
#
# COMPACT_ATOMS: atom_id res chain seq x y z
N GLU A 16 -23.41 21.21 1.13
CA GLU A 16 -23.19 19.78 0.82
C GLU A 16 -22.55 19.05 2.00
N ARG A 17 -23.39 18.34 2.78
CA ARG A 17 -22.88 17.53 3.88
C ARG A 17 -22.59 16.14 3.36
N ILE A 18 -21.39 15.65 3.65
CA ILE A 18 -20.90 14.39 3.10
C ILE A 18 -20.45 13.43 4.20
N LEU A 19 -20.36 12.16 3.84
CA LEU A 19 -20.05 11.12 4.81
C LEU A 19 -18.58 11.09 5.18
N VAL A 20 -18.32 11.14 6.48
CA VAL A 20 -16.97 11.01 7.02
C VAL A 20 -16.91 10.03 8.19
N VAL A 21 -15.70 9.60 8.52
CA VAL A 21 -15.42 8.92 9.79
C VAL A 21 -14.21 9.61 10.44
N LYS A 22 -14.14 9.56 11.76
CA LYS A 22 -12.91 9.97 12.44
C LYS A 22 -11.77 9.06 12.01
N THR A 23 -10.65 9.65 11.62
CA THR A 23 -9.47 8.87 11.27
C THR A 23 -9.08 7.96 12.42
N GLU A 24 -9.21 8.49 13.64
CA GLU A 24 -8.95 7.69 14.84
C GLU A 24 -9.80 6.40 14.90
N ASP A 25 -11.08 6.49 14.55
CA ASP A 25 -11.97 5.32 14.58
C ASP A 25 -11.64 4.35 13.46
N PHE A 26 -11.33 4.90 12.29
CA PHE A 26 -10.88 4.10 11.15
C PHE A 26 -9.64 3.28 11.53
N LEU A 27 -8.66 3.94 12.14
CA LEU A 27 -7.43 3.26 12.56
C LEU A 27 -7.65 2.19 13.66
N LYS A 28 -8.52 2.48 14.62
CA LYS A 28 -8.89 1.52 15.67
C LYS A 28 -9.54 0.26 15.07
N GLU A 29 -10.39 0.44 14.07
CA GLU A 29 -11.11 -0.70 13.50
C GLU A 29 -10.31 -1.50 12.46
N PHE A 30 -9.56 -0.82 11.61
CA PHE A 30 -8.90 -1.51 10.50
C PHE A 30 -7.38 -1.53 10.55
N GLY A 31 -6.80 -0.83 11.51
CA GLY A 31 -5.36 -0.81 11.69
C GLY A 31 -4.69 0.20 10.78
N GLU A 32 -3.36 0.19 10.81
CA GLU A 32 -2.59 1.16 10.07
C GLU A 32 -2.12 0.47 8.78
N PHE A 33 -2.48 1.03 7.64
CA PHE A 33 -1.95 0.52 6.38
C PHE A 33 -1.84 1.64 5.37
N GLU A 34 -1.00 1.39 4.38
CA GLU A 34 -0.69 2.36 3.34
C GLU A 34 -0.80 1.62 2.01
N GLY A 35 -1.84 1.92 1.25
CA GLY A 35 -2.11 1.24 -0.01
C GLY A 35 -3.51 0.63 0.02
N PHE A 36 -3.60 -0.68 -0.24
CA PHE A 36 -4.90 -1.36 -0.31
C PHE A 36 -4.94 -2.53 0.67
N MET A 37 -6.10 -2.77 1.26
CA MET A 37 -6.26 -3.95 2.08
C MET A 37 -7.65 -4.50 1.89
N ARG A 38 -7.74 -5.81 1.65
CA ARG A 38 -9.02 -6.46 1.56
C ARG A 38 -9.66 -6.48 2.95
N VAL A 39 -10.93 -6.16 3.02
CA VAL A 39 -11.69 -6.26 4.27
C VAL A 39 -13.00 -6.90 3.89
N ASN A 40 -13.71 -7.38 4.91
CA ASN A 40 -15.05 -7.92 4.74
C ASN A 40 -16.05 -6.79 4.54
N PHE A 41 -16.89 -6.87 3.50
CA PHE A 41 -17.81 -5.79 3.16
C PHE A 41 -18.84 -5.54 4.26
N GLU A 42 -19.42 -6.62 4.81
CA GLU A 42 -20.32 -6.49 5.95
C GLU A 42 -19.65 -5.71 7.11
N ASP A 43 -18.39 -6.03 7.41
CA ASP A 43 -17.65 -5.33 8.47
C ASP A 43 -17.47 -3.84 8.18
N PHE A 44 -17.24 -3.51 6.92
CA PHE A 44 -17.10 -2.12 6.51
C PHE A 44 -18.42 -1.38 6.62
N LEU A 45 -19.51 -1.98 6.16
CA LEU A 45 -20.82 -1.33 6.28
C LEU A 45 -21.22 -1.14 7.74
N ASN A 46 -20.93 -2.12 8.59
CA ASN A 46 -21.19 -2.05 10.02
C ASN A 46 -20.40 -0.89 10.66
N PHE A 47 -19.15 -0.77 10.23
CA PHE A 47 -18.26 0.34 10.62
C PHE A 47 -18.85 1.71 10.29
N LEU A 48 -19.35 1.86 9.07
CA LEU A 48 -19.97 3.11 8.65
C LEU A 48 -21.18 3.45 9.51
N ASP A 49 -22.03 2.47 9.77
CA ASP A 49 -23.21 2.71 10.63
C ASP A 49 -22.81 3.13 12.05
N GLN A 50 -21.76 2.52 12.56
CA GLN A 50 -21.36 2.77 13.94
C GLN A 50 -20.60 4.07 14.09
N TYR A 51 -19.73 4.38 13.13
CA TYR A 51 -18.83 5.54 13.24
C TYR A 51 -19.02 6.67 12.24
N GLY A 52 -19.82 6.44 11.20
CA GLY A 52 -20.01 7.43 10.14
C GLY A 52 -20.88 8.57 10.58
N PHE A 53 -20.53 9.77 10.13
CA PHE A 53 -21.38 10.93 10.31
C PHE A 53 -21.21 11.90 9.15
N PHE A 54 -22.02 12.95 9.13
CA PHE A 54 -21.96 13.90 8.02
C PHE A 54 -21.43 15.27 8.42
N ARG A 55 -20.60 15.84 7.56
CA ARG A 55 -19.99 17.17 7.75
C ARG A 55 -20.10 17.95 6.49
N GLU A 56 -20.01 19.27 6.63
CA GLU A 56 -19.85 20.15 5.48
C GLU A 56 -18.55 19.85 4.72
N ARG A 57 -18.67 19.70 3.41
CA ARG A 57 -17.53 19.40 2.57
C ARG A 57 -16.41 20.46 2.73
N ASP A 58 -16.80 21.72 2.88
CA ASP A 58 -15.83 22.82 2.99
C ASP A 58 -14.94 22.72 4.25
N GLU A 59 -15.47 22.10 5.30
CA GLU A 59 -14.73 21.93 6.55
C GLU A 59 -13.98 20.59 6.51
N ALA A 60 -14.59 19.57 5.92
CA ALA A 60 -13.94 18.26 5.76
C ALA A 60 -12.71 18.27 4.85
N GLU A 61 -12.74 19.07 3.80
CA GLU A 61 -11.70 19.07 2.77
C GLU A 61 -10.29 19.26 3.31
N TYR A 62 -10.13 20.05 4.37
CA TYR A 62 -8.81 20.39 4.90
C TYR A 62 -8.48 19.79 6.27
N ASP A 63 -9.36 18.97 6.80
CA ASP A 63 -9.25 18.53 8.18
C ASP A 63 -8.97 17.03 8.27
N GLU A 64 -7.71 16.70 8.55
CA GLU A 64 -7.29 15.31 8.66
C GLU A 64 -7.80 14.59 9.91
N THR A 65 -8.57 15.29 10.76
CA THR A 65 -9.30 14.64 11.84
C THR A 65 -10.27 13.58 11.30
N THR A 66 -10.81 13.84 10.11
CA THR A 66 -11.76 12.96 9.47
C THR A 66 -11.25 12.47 8.12
N LYS A 67 -11.82 11.35 7.68
CA LYS A 67 -11.62 10.87 6.34
C LYS A 67 -12.99 10.80 5.67
N GLN A 68 -13.07 11.40 4.49
CA GLN A 68 -14.25 11.36 3.66
C GLN A 68 -14.34 9.99 2.98
N VAL A 69 -15.52 9.39 3.04
CA VAL A 69 -15.73 8.05 2.51
C VAL A 69 -16.08 8.14 1.01
N ILE A 70 -15.23 7.53 0.19
CA ILE A 70 -15.29 7.66 -1.26
C ILE A 70 -15.46 6.27 -1.90
N PRO A 71 -16.67 5.96 -2.39
CA PRO A 71 -16.80 4.78 -3.24
C PRO A 71 -15.95 5.03 -4.50
N TYR A 72 -15.23 4.01 -4.95
CA TYR A 72 -14.25 4.19 -6.01
C TYR A 72 -14.40 2.96 -6.90
N VAL A 73 -15.05 3.15 -8.04
CA VAL A 73 -15.46 2.02 -8.88
C VAL A 73 -14.66 1.89 -10.16
N VAL A 74 -14.04 0.74 -10.35
CA VAL A 74 -13.33 0.46 -11.61
C VAL A 74 -14.31 -0.30 -12.51
N ILE A 75 -14.55 0.22 -13.72
CA ILE A 75 -15.49 -0.36 -14.66
C ILE A 75 -14.73 -1.31 -15.60
N MET A 76 -15.19 -2.54 -15.71
CA MET A 76 -14.68 -3.49 -16.69
C MET A 76 -15.82 -3.94 -17.59
N ASP A 77 -15.59 -3.84 -18.90
CA ASP A 77 -16.47 -4.33 -19.94
C ASP A 77 -15.71 -5.45 -20.67
N GLY A 78 -16.15 -6.69 -20.45
CA GLY A 78 -15.41 -7.85 -20.92
C GLY A 78 -14.02 -7.91 -20.31
N ASP A 79 -12.99 -7.99 -21.15
CA ASP A 79 -11.61 -8.00 -20.66
C ASP A 79 -10.95 -6.61 -20.68
N ARG A 80 -11.73 -5.56 -20.89
CA ARG A 80 -11.21 -4.21 -20.96
C ARG A 80 -11.62 -3.39 -19.73
N VAL A 81 -10.74 -2.49 -19.29
CA VAL A 81 -11.03 -1.61 -18.16
C VAL A 81 -11.16 -0.19 -18.69
N LEU A 82 -12.10 0.56 -18.13
CA LEU A 82 -12.30 1.94 -18.50
C LEU A 82 -11.29 2.83 -17.79
N ILE A 83 -10.61 3.67 -18.55
CA ILE A 83 -9.77 4.72 -17.95
C ILE A 83 -10.26 6.03 -18.53
N THR A 84 -10.13 7.11 -17.76
CA THR A 84 -10.60 8.43 -18.19
C THR A 84 -9.54 9.49 -17.90
N LYS A 85 -9.60 10.58 -18.65
CA LYS A 85 -8.70 11.72 -18.50
C LYS A 85 -9.59 12.94 -18.35
N ARG A 86 -9.07 14.00 -17.72
CA ARG A 86 -9.76 15.29 -17.67
C ARG A 86 -9.16 16.21 -18.72
N TYR A 99 -4.37 9.99 -16.42
CA TYR A 99 -5.45 8.97 -16.52
C TYR A 99 -5.89 8.46 -15.16
N SER A 100 -7.18 8.22 -15.03
CA SER A 100 -7.78 7.71 -13.82
C SER A 100 -8.45 6.37 -14.08
N LEU A 101 -8.21 5.41 -13.20
CA LEU A 101 -8.75 4.07 -13.33
C LEU A 101 -10.09 3.84 -12.60
N GLY A 102 -10.37 4.64 -11.59
CA GLY A 102 -11.60 4.49 -10.81
C GLY A 102 -12.46 5.72 -10.93
N ILE A 103 -13.75 5.51 -10.74
CA ILE A 103 -14.70 6.59 -10.72
C ILE A 103 -15.16 6.78 -9.26
N GLY A 104 -14.80 7.91 -8.67
CA GLY A 104 -15.06 8.18 -7.26
C GLY A 104 -15.98 9.37 -7.06
N GLY A 105 -16.65 9.40 -5.93
CA GLY A 105 -17.37 10.61 -5.52
C GLY A 105 -17.71 10.57 -4.07
N HIS A 106 -18.22 11.67 -3.54
CA HIS A 106 -18.65 11.70 -2.13
C HIS A 106 -20.04 11.10 -1.94
N VAL A 107 -20.30 10.71 -0.69
CA VAL A 107 -21.59 10.20 -0.25
C VAL A 107 -22.29 11.35 0.48
N ARG A 108 -23.50 11.70 0.03
CA ARG A 108 -24.22 12.87 0.55
C ARG A 108 -25.22 12.49 1.63
N GLU A 109 -25.45 13.40 2.55
CA GLU A 109 -26.40 13.18 3.62
C GLU A 109 -27.78 12.75 3.10
N GLY A 110 -28.19 13.31 1.97
CA GLY A 110 -29.50 12.99 1.38
C GLY A 110 -29.58 11.67 0.66
N ASP A 111 -28.46 10.95 0.56
CA ASP A 111 -28.40 9.71 -0.22
C ASP A 111 -29.10 8.54 0.46
N GLY A 112 -29.38 8.67 1.76
CA GLY A 112 -29.96 7.56 2.50
C GLY A 112 -30.18 7.88 3.96
N ALA A 113 -31.00 7.06 4.61
CA ALA A 113 -31.40 7.32 5.98
C ALA A 113 -30.29 7.03 6.98
N THR A 114 -29.40 6.11 6.64
CA THR A 114 -28.32 5.70 7.51
C THR A 114 -27.01 5.80 6.73
N PRO A 115 -25.87 5.85 7.43
CA PRO A 115 -24.62 5.85 6.66
C PRO A 115 -24.48 4.67 5.68
N ARG A 116 -24.83 3.45 6.07
CA ARG A 116 -24.69 2.35 5.13
C ARG A 116 -25.61 2.53 3.90
N GLU A 117 -26.85 2.95 4.10
CA GLU A 117 -27.76 3.18 2.97
C GLU A 117 -27.29 4.31 2.06
N ALA A 118 -26.85 5.40 2.68
CA ALA A 118 -26.33 6.56 1.96
C ALA A 118 -25.13 6.16 1.10
N PHE A 119 -24.25 5.36 1.67
CA PHE A 119 -23.07 4.86 0.99
C PHE A 119 -23.44 4.07 -0.26
N LEU A 120 -24.31 3.08 -0.13
CA LEU A 120 -24.68 2.22 -1.25
C LEU A 120 -25.39 2.98 -2.38
N LYS A 121 -26.24 3.95 -2.03
CA LYS A 121 -26.90 4.83 -3.01
C LYS A 121 -25.95 5.84 -3.65
N GLY A 122 -25.02 6.39 -2.86
CA GLY A 122 -23.99 7.27 -3.41
C GLY A 122 -23.09 6.54 -4.39
N LEU A 123 -22.81 5.28 -4.10
CA LEU A 123 -22.04 4.42 -4.98
C LEU A 123 -22.73 4.38 -6.35
N GLU A 124 -24.02 4.10 -6.34
CA GLU A 124 -24.80 4.03 -7.59
C GLU A 124 -24.83 5.39 -8.31
N ARG A 125 -25.16 6.45 -7.58
CA ARG A 125 -25.29 7.79 -8.15
C ARG A 125 -24.00 8.32 -8.74
N GLU A 126 -22.93 8.11 -7.98
CA GLU A 126 -21.60 8.59 -8.25
C GLU A 126 -21.13 8.14 -9.64
N VAL A 127 -21.35 6.86 -9.91
CA VAL A 127 -20.95 6.28 -11.19
C VAL A 127 -21.87 6.77 -12.30
N ASN A 128 -23.16 6.78 -12.05
CA ASN A 128 -24.15 7.21 -13.06
C ASN A 128 -24.09 8.69 -13.43
N GLU A 129 -23.39 9.49 -12.63
CA GLU A 129 -23.15 10.89 -12.96
C GLU A 129 -22.11 11.02 -14.05
N GLU A 130 -21.10 10.14 -14.04
CA GLU A 130 -19.95 10.26 -14.93
C GLU A 130 -20.10 9.46 -16.23
N VAL A 131 -20.67 8.26 -16.13
CA VAL A 131 -20.77 7.38 -17.30
C VAL A 131 -22.12 6.72 -17.46
N ASP A 132 -22.42 6.35 -18.70
CA ASP A 132 -23.57 5.51 -19.02
C ASP A 132 -23.10 4.07 -19.14
N VAL A 133 -23.46 3.26 -18.16
CA VAL A 133 -23.06 1.86 -18.10
C VAL A 133 -24.26 1.01 -17.69
N SER A 134 -24.33 -0.22 -18.17
CA SER A 134 -25.24 -1.19 -17.61
C SER A 134 -24.44 -2.20 -16.80
N LEU A 135 -24.38 -1.99 -15.49
CA LEU A 135 -23.66 -2.92 -14.61
C LEU A 135 -24.40 -4.24 -14.47
N ARG A 136 -23.63 -5.30 -14.47
CA ARG A 136 -24.09 -6.65 -14.25
C ARG A 136 -23.80 -7.10 -12.82
N GLU A 137 -22.61 -6.75 -12.31
CA GLU A 137 -22.28 -7.00 -10.93
C GLU A 137 -21.24 -6.02 -10.41
N LEU A 138 -21.40 -5.64 -9.15
CA LEU A 138 -20.49 -4.75 -8.46
C LEU A 138 -19.93 -5.57 -7.31
N GLU A 139 -18.60 -5.65 -7.25
CA GLU A 139 -17.90 -6.48 -6.30
C GLU A 139 -17.04 -5.56 -5.44
N PHE A 140 -17.28 -5.54 -4.14
CA PHE A 140 -16.39 -4.82 -3.22
C PHE A 140 -15.06 -5.54 -3.10
N LEU A 141 -13.96 -4.82 -3.29
CA LEU A 141 -12.64 -5.43 -3.21
C LEU A 141 -11.92 -5.15 -1.87
N GLY A 142 -12.03 -3.93 -1.38
CA GLY A 142 -11.37 -3.59 -0.15
C GLY A 142 -11.26 -2.10 -0.03
N LEU A 143 -10.36 -1.68 0.84
CA LEU A 143 -10.21 -0.27 1.14
C LEU A 143 -8.87 0.24 0.63
N ILE A 144 -8.88 1.50 0.23
CA ILE A 144 -7.65 2.20 -0.16
C ILE A 144 -7.41 3.30 0.85
N ASN A 145 -6.22 3.31 1.43
CA ASN A 145 -5.80 4.33 2.39
C ASN A 145 -4.37 4.72 2.09
N SER A 146 -4.17 5.96 1.65
CA SER A 146 -2.84 6.43 1.33
C SER A 146 -2.63 7.82 1.89
N SER A 147 -1.39 8.15 2.17
CA SER A 147 -1.12 9.36 2.92
C SER A 147 -0.17 10.29 2.17
N THR A 148 -0.02 10.07 0.87
CA THR A 148 1.05 10.75 0.15
C THR A 148 0.66 12.13 -0.38
N THR A 149 -0.63 12.49 -0.34
CA THR A 149 -1.01 13.86 -0.68
C THR A 149 -2.01 14.39 0.32
N GLU A 150 -2.13 15.71 0.36
CA GLU A 150 -3.12 16.38 1.17
C GLU A 150 -4.50 15.81 0.93
N VAL A 151 -4.85 15.57 -0.33
CA VAL A 151 -6.18 15.05 -0.64
C VAL A 151 -6.33 13.60 -0.22
N SER A 152 -5.32 12.77 -0.46
CA SER A 152 -5.44 11.37 -0.07
C SER A 152 -5.56 11.23 1.45
N ARG A 153 -4.89 12.11 2.20
CA ARG A 153 -4.99 12.09 3.67
C ARG A 153 -6.38 12.35 4.25
N VAL A 154 -7.24 13.04 3.52
CA VAL A 154 -8.60 13.28 3.98
C VAL A 154 -9.64 12.36 3.29
N HIS A 155 -9.18 11.31 2.61
CA HIS A 155 -10.08 10.39 1.91
C HIS A 155 -9.84 8.94 2.36
N LEU A 156 -10.91 8.17 2.41
CA LEU A 156 -10.85 6.70 2.59
C LEU A 156 -11.61 6.11 1.40
N GLY A 157 -10.96 5.27 0.61
CA GLY A 157 -11.57 4.70 -0.58
C GLY A 157 -12.13 3.32 -0.36
N ALA A 158 -13.32 3.09 -0.90
CA ALA A 158 -13.92 1.77 -0.94
C ALA A 158 -13.87 1.33 -2.39
N LEU A 159 -12.96 0.41 -2.68
CA LEU A 159 -12.71 -0.05 -4.04
C LEU A 159 -13.67 -1.15 -4.49
N PHE A 160 -14.34 -0.92 -5.62
CA PHE A 160 -15.22 -1.89 -6.25
C PHE A 160 -14.76 -2.15 -7.66
N LEU A 161 -15.03 -3.37 -8.13
CA LEU A 161 -14.96 -3.68 -9.54
C LEU A 161 -16.39 -3.81 -10.07
N GLY A 162 -16.75 -2.98 -11.02
CA GLY A 162 -18.06 -2.97 -11.62
C GLY A 162 -17.96 -3.60 -13.00
N ARG A 163 -18.56 -4.78 -13.18
CA ARG A 163 -18.51 -5.45 -14.47
C ARG A 163 -19.80 -5.18 -15.21
N GLY A 164 -19.69 -4.76 -16.46
CA GLY A 164 -20.88 -4.38 -17.19
C GLY A 164 -20.61 -3.96 -18.60
N LYS A 165 -21.59 -3.30 -19.20
CA LYS A 165 -21.50 -2.83 -20.57
C LYS A 165 -21.31 -1.32 -20.51
N PHE A 166 -20.22 -0.81 -21.09
CA PHE A 166 -19.98 0.64 -21.17
C PHE A 166 -20.60 1.19 -22.46
N PHE A 167 -21.38 2.27 -22.34
CA PHE A 167 -22.00 2.89 -23.50
C PHE A 167 -21.35 4.21 -23.86
N SER A 168 -21.18 5.09 -22.87
CA SER A 168 -20.66 6.42 -23.11
C SER A 168 -20.33 7.15 -21.82
N VAL A 169 -19.54 8.22 -21.94
CA VAL A 169 -19.38 9.19 -20.86
C VAL A 169 -20.50 10.23 -20.95
N LYS A 170 -20.97 10.70 -19.79
CA LYS A 170 -22.10 11.62 -19.70
C LYS A 170 -21.77 13.04 -20.16
N GLU A 171 -20.59 13.55 -19.82
CA GLU A 171 -20.19 14.90 -20.24
C GLU A 171 -18.87 14.95 -21.02
N LYS A 172 -18.97 15.16 -22.32
CA LYS A 172 -17.80 15.22 -23.21
C LYS A 172 -16.78 16.33 -22.88
N ASP A 173 -17.24 17.45 -22.32
CA ASP A 173 -16.34 18.56 -21.98
C ASP A 173 -15.63 18.33 -20.64
N LEU A 174 -16.02 17.27 -19.94
CA LEU A 174 -15.36 16.89 -18.70
C LEU A 174 -14.30 15.81 -18.92
N PHE A 175 -14.68 14.67 -19.53
CA PHE A 175 -13.81 13.49 -19.62
C PHE A 175 -13.59 12.93 -21.02
N GLU A 176 -12.36 12.50 -21.32
CA GLU A 176 -12.07 11.59 -22.43
C GLU A 176 -12.00 10.20 -21.83
N TRP A 177 -12.20 9.15 -22.63
CA TRP A 177 -12.16 7.78 -22.14
C TRP A 177 -11.40 6.84 -23.06
N GLU A 178 -10.87 5.75 -22.48
CA GLU A 178 -10.34 4.62 -23.24
C GLU A 178 -10.77 3.34 -22.55
N LEU A 179 -10.97 2.28 -23.34
CA LEU A 179 -11.18 0.93 -22.83
C LEU A 179 -9.97 0.09 -23.17
N ILE A 180 -9.15 -0.21 -22.18
CA ILE A 180 -7.89 -0.90 -22.43
C ILE A 180 -7.90 -2.33 -21.89
N LYS A 181 -7.18 -3.21 -22.56
CA LYS A 181 -7.08 -4.60 -22.14
C LYS A 181 -6.20 -4.68 -20.90
N LEU A 182 -6.38 -5.71 -20.08
CA LEU A 182 -5.58 -5.83 -18.85
C LEU A 182 -4.10 -5.96 -19.17
N GLU A 183 -3.78 -6.73 -20.22
CA GLU A 183 -2.40 -6.77 -20.78
C GLU A 183 -1.77 -5.37 -20.96
N GLU A 184 -2.57 -4.37 -21.34
CA GLU A 184 -2.07 -2.99 -21.49
C GLU A 184 -2.06 -2.20 -20.20
N LEU A 185 -2.80 -2.65 -19.19
CA LEU A 185 -2.89 -1.89 -17.95
C LEU A 185 -1.54 -1.78 -17.27
N GLU A 186 -0.79 -2.89 -17.28
CA GLU A 186 0.60 -2.91 -16.82
C GLU A 186 1.35 -1.68 -17.34
N LYS A 187 1.27 -1.46 -18.65
CA LYS A 187 1.90 -0.30 -19.31
C LYS A 187 1.35 1.03 -18.79
N PHE A 188 0.03 1.19 -18.84
CA PHE A 188 -0.63 2.44 -18.46
C PHE A 188 -0.43 2.84 -17.01
N SER A 189 -0.36 1.86 -16.11
CA SER A 189 -0.23 2.15 -14.67
C SER A 189 1.11 2.84 -14.31
N GLY A 190 2.05 2.86 -15.26
CA GLY A 190 3.26 3.68 -15.12
C GLY A 190 3.00 5.19 -15.23
N VAL A 191 1.95 5.59 -15.95
CA VAL A 191 1.62 7.01 -16.12
C VAL A 191 0.49 7.46 -15.17
N MET A 192 0.16 6.59 -14.21
CA MET A 192 -0.90 6.87 -13.24
C MET A 192 -0.29 7.16 -11.88
N GLU A 193 -1.07 7.83 -11.04
CA GLU A 193 -0.65 8.24 -9.69
C GLU A 193 -1.74 7.90 -8.68
N GLY A 194 -1.38 7.98 -7.41
CA GLY A 194 -2.32 7.79 -6.31
C GLY A 194 -3.18 6.52 -6.35
N TRP A 195 -4.47 6.72 -6.22
CA TRP A 195 -5.39 5.60 -6.07
C TRP A 195 -5.48 4.79 -7.34
N SER A 196 -5.29 5.43 -8.50
CA SER A 196 -5.30 4.74 -9.78
C SER A 196 -4.18 3.72 -9.90
N LYS A 197 -2.98 4.10 -9.47
CA LYS A 197 -1.83 3.23 -9.43
C LYS A 197 -2.06 2.05 -8.50
N ILE A 198 -2.57 2.33 -7.30
CA ILE A 198 -2.85 1.27 -6.32
C ILE A 198 -3.88 0.30 -6.93
N SER A 199 -4.99 0.85 -7.43
CA SER A 199 -6.05 0.05 -8.00
C SER A 199 -5.59 -0.81 -9.18
N ALA A 200 -4.71 -0.26 -10.01
CA ALA A 200 -4.12 -1.00 -11.13
C ALA A 200 -3.35 -2.22 -10.59
N ALA A 201 -2.52 -2.00 -9.58
CA ALA A 201 -1.76 -3.10 -8.96
C ALA A 201 -2.67 -4.18 -8.45
N VAL A 202 -3.73 -3.78 -7.75
CA VAL A 202 -4.70 -4.72 -7.18
C VAL A 202 -5.43 -5.52 -8.25
N LEU A 203 -5.94 -4.83 -9.27
CA LEU A 203 -6.64 -5.49 -10.38
C LEU A 203 -5.77 -6.49 -11.14
N LEU A 204 -4.54 -6.08 -11.43
CA LEU A 204 -3.59 -6.96 -12.14
C LEU A 204 -3.28 -8.21 -11.32
N ASN A 205 -3.02 -8.03 -10.04
CA ASN A 205 -2.76 -9.16 -9.15
C ASN A 205 -3.97 -10.07 -8.99
N LEU A 206 -5.18 -9.51 -9.02
CA LEU A 206 -6.40 -10.30 -8.92
C LEU A 206 -6.64 -11.22 -10.11
N PHE A 207 -6.34 -10.74 -11.32
CA PHE A 207 -6.51 -11.53 -12.55
C PHE A 207 -5.22 -12.24 -12.94
N GLU B 16 23.86 -20.71 -0.62
CA GLU B 16 23.04 -19.78 0.20
C GLU B 16 21.58 -20.24 0.26
N ARG B 17 21.22 -20.95 1.34
CA ARG B 17 19.83 -21.28 1.62
C ARG B 17 19.22 -20.18 2.48
N ILE B 18 18.05 -19.69 2.08
CA ILE B 18 17.48 -18.47 2.70
C ILE B 18 16.05 -18.64 3.20
N LEU B 19 15.67 -17.79 4.16
CA LEU B 19 14.37 -17.89 4.83
C LEU B 19 13.22 -17.52 3.89
N VAL B 20 12.23 -18.40 3.84
CA VAL B 20 11.03 -18.20 3.03
C VAL B 20 9.79 -18.63 3.82
N VAL B 21 8.63 -18.18 3.35
CA VAL B 21 7.34 -18.71 3.79
C VAL B 21 6.50 -19.01 2.57
N LYS B 22 5.57 -19.95 2.70
CA LYS B 22 4.61 -20.23 1.64
C LYS B 22 3.67 -19.04 1.55
N THR B 23 3.36 -18.61 0.33
CA THR B 23 2.44 -17.51 0.13
C THR B 23 1.08 -17.84 0.73
N GLU B 24 0.62 -19.07 0.60
CA GLU B 24 -0.67 -19.47 1.18
C GLU B 24 -0.69 -19.29 2.70
N ASP B 25 0.41 -19.62 3.38
CA ASP B 25 0.53 -19.41 4.83
C ASP B 25 0.54 -17.91 5.18
N PHE B 26 1.29 -17.12 4.41
CA PHE B 26 1.32 -15.65 4.58
C PHE B 26 -0.07 -15.05 4.46
N LEU B 27 -0.75 -15.31 3.34
CA LEU B 27 -2.08 -14.75 3.11
C LEU B 27 -3.08 -15.21 4.17
N LYS B 28 -2.99 -16.47 4.59
CA LYS B 28 -3.84 -16.98 5.66
C LYS B 28 -3.62 -16.22 6.95
N GLU B 29 -2.38 -15.97 7.30
CA GLU B 29 -2.07 -15.27 8.55
C GLU B 29 -2.39 -13.77 8.46
N PHE B 30 -1.99 -13.14 7.36
CA PHE B 30 -2.05 -11.68 7.27
C PHE B 30 -3.05 -11.09 6.30
N GLY B 31 -3.65 -11.92 5.46
CA GLY B 31 -4.65 -11.46 4.53
C GLY B 31 -4.04 -10.81 3.30
N GLU B 32 -4.90 -10.16 2.53
CA GLU B 32 -4.56 -9.63 1.23
C GLU B 32 -4.39 -8.12 1.32
N PHE B 33 -3.16 -7.65 1.12
CA PHE B 33 -2.92 -6.22 1.05
C PHE B 33 -1.85 -5.90 0.03
N GLU B 34 -1.85 -4.66 -0.44
CA GLU B 34 -0.89 -4.17 -1.42
C GLU B 34 -0.30 -2.90 -0.86
N GLY B 35 0.97 -2.95 -0.49
CA GLY B 35 1.63 -1.79 0.11
C GLY B 35 2.21 -2.16 1.45
N PHE B 36 1.84 -1.43 2.49
CA PHE B 36 2.34 -1.67 3.83
C PHE B 36 1.18 -1.89 4.78
N MET B 37 1.38 -2.77 5.75
CA MET B 37 0.42 -2.98 6.85
C MET B 37 1.15 -3.15 8.18
N ARG B 38 0.72 -2.41 9.21
CA ARG B 38 1.26 -2.53 10.55
C ARG B 38 0.88 -3.89 11.10
N VAL B 39 1.84 -4.57 11.70
CA VAL B 39 1.56 -5.81 12.44
C VAL B 39 2.39 -5.83 13.71
N ASN B 40 1.98 -6.65 14.66
CA ASN B 40 2.69 -6.80 15.93
C ASN B 40 3.94 -7.65 15.73
N PHE B 41 5.06 -7.19 16.25
CA PHE B 41 6.34 -7.85 16.03
C PHE B 41 6.36 -9.28 16.56
N GLU B 42 5.83 -9.47 17.76
CA GLU B 42 5.78 -10.81 18.35
C GLU B 42 4.95 -11.77 17.48
N ASP B 43 3.81 -11.29 16.97
CA ASP B 43 2.97 -12.09 16.07
C ASP B 43 3.74 -12.49 14.82
N PHE B 44 4.51 -11.55 14.27
CA PHE B 44 5.33 -11.84 13.09
C PHE B 44 6.42 -12.89 13.36
N LEU B 45 7.15 -12.74 14.46
CA LEU B 45 8.22 -13.68 14.81
C LEU B 45 7.66 -15.08 15.07
N ASN B 46 6.52 -15.14 15.74
CA ASN B 46 5.78 -16.39 15.94
C ASN B 46 5.39 -16.99 14.60
N PHE B 47 4.90 -16.15 13.68
CA PHE B 47 4.58 -16.57 12.32
C PHE B 47 5.77 -17.21 11.62
N LEU B 48 6.96 -16.61 11.79
CA LEU B 48 8.18 -17.16 11.21
C LEU B 48 8.53 -18.51 11.81
N ASP B 49 8.45 -18.63 13.13
CA ASP B 49 8.77 -19.90 13.78
C ASP B 49 7.79 -21.00 13.37
N GLN B 50 6.54 -20.62 13.15
CA GLN B 50 5.49 -21.58 12.79
C GLN B 50 5.48 -21.96 11.29
N TYR B 51 5.82 -21.01 10.42
CA TYR B 51 5.72 -21.25 8.97
C TYR B 51 7.02 -21.12 8.19
N GLY B 52 8.03 -20.52 8.80
CA GLY B 52 9.30 -20.26 8.12
C GLY B 52 10.09 -21.53 7.86
N PHE B 53 10.77 -21.55 6.72
CA PHE B 53 11.73 -22.62 6.40
C PHE B 53 12.76 -22.06 5.42
N PHE B 54 13.84 -22.81 5.19
CA PHE B 54 14.92 -22.33 4.32
C PHE B 54 14.98 -23.09 3.00
N ARG B 55 15.36 -22.38 1.94
CA ARG B 55 15.45 -22.92 0.58
C ARG B 55 16.52 -22.19 -0.21
N GLU B 56 17.08 -22.87 -1.21
CA GLU B 56 18.06 -22.28 -2.11
C GLU B 56 17.53 -21.00 -2.75
N ARG B 57 18.36 -19.96 -2.76
CA ARG B 57 17.97 -18.62 -3.24
C ARG B 57 17.58 -18.62 -4.71
N ASP B 58 18.43 -19.22 -5.54
CA ASP B 58 18.20 -19.27 -6.98
C ASP B 58 16.88 -19.94 -7.36
N GLU B 59 16.43 -20.86 -6.51
CA GLU B 59 15.20 -21.62 -6.75
C GLU B 59 13.95 -20.97 -6.13
N ALA B 60 14.16 -19.87 -5.39
CA ALA B 60 13.04 -19.07 -4.86
C ALA B 60 12.73 -17.86 -5.74
N GLU B 61 13.73 -17.38 -6.48
CA GLU B 61 13.58 -16.27 -7.44
C GLU B 61 12.51 -16.52 -8.51
N TYR B 62 12.32 -17.78 -8.89
CA TYR B 62 11.37 -18.17 -9.94
C TYR B 62 10.08 -18.79 -9.39
N ASP B 63 9.69 -18.44 -8.17
CA ASP B 63 8.58 -19.13 -7.52
C ASP B 63 7.71 -18.19 -6.68
N GLU B 64 6.49 -17.95 -7.18
CA GLU B 64 5.49 -17.14 -6.45
C GLU B 64 4.71 -17.97 -5.42
N THR B 65 4.98 -19.27 -5.34
CA THR B 65 4.43 -20.12 -4.29
C THR B 65 5.00 -19.78 -2.92
N THR B 66 6.17 -19.13 -2.90
CA THR B 66 6.80 -18.71 -1.66
C THR B 66 7.21 -17.23 -1.72
N LYS B 67 7.40 -16.66 -0.54
CA LYS B 67 7.93 -15.31 -0.41
C LYS B 67 9.18 -15.34 0.46
N GLN B 68 10.23 -14.70 -0.05
CA GLN B 68 11.50 -14.57 0.66
C GLN B 68 11.37 -13.47 1.70
N VAL B 69 11.67 -13.80 2.95
CA VAL B 69 11.57 -12.82 4.04
C VAL B 69 12.80 -11.90 4.05
N ILE B 70 12.54 -10.61 3.83
CA ILE B 70 13.58 -9.61 3.68
C ILE B 70 13.48 -8.58 4.82
N PRO B 71 14.37 -8.68 5.83
CA PRO B 71 14.47 -7.56 6.76
C PRO B 71 14.87 -6.31 5.98
N TYR B 72 14.24 -5.18 6.28
CA TYR B 72 14.37 -3.94 5.51
C TYR B 72 14.40 -2.78 6.49
N VAL B 73 15.57 -2.16 6.65
CA VAL B 73 15.80 -1.22 7.72
C VAL B 73 16.05 0.17 7.18
N VAL B 74 15.25 1.11 7.64
CA VAL B 74 15.43 2.51 7.38
C VAL B 74 16.20 3.07 8.58
N ILE B 75 17.27 3.81 8.30
CA ILE B 75 18.16 4.30 9.34
C ILE B 75 17.93 5.79 9.54
N MET B 76 17.73 6.21 10.78
CA MET B 76 17.69 7.63 11.13
C MET B 76 18.78 7.99 12.13
N ASP B 77 19.53 9.06 11.82
CA ASP B 77 20.55 9.64 12.69
C ASP B 77 20.00 10.98 13.13
N GLY B 78 19.57 11.07 14.38
CA GLY B 78 18.90 12.26 14.88
C GLY B 78 17.60 12.45 14.13
N ASP B 79 17.42 13.63 13.54
CA ASP B 79 16.19 13.91 12.81
C ASP B 79 16.40 13.81 11.30
N ARG B 80 17.44 13.06 10.92
CA ARG B 80 17.78 12.85 9.52
C ARG B 80 17.65 11.38 9.17
N VAL B 81 17.32 11.10 7.91
CA VAL B 81 17.15 9.74 7.43
C VAL B 81 18.19 9.45 6.35
N LEU B 82 18.67 8.22 6.33
CA LEU B 82 19.70 7.80 5.38
C LEU B 82 19.09 7.45 4.01
N ILE B 83 19.57 8.13 2.98
CA ILE B 83 19.24 7.86 1.59
C ILE B 83 20.51 7.37 0.92
N THR B 84 20.43 6.32 0.13
CA THR B 84 21.59 5.81 -0.58
C THR B 84 21.30 5.76 -2.07
N LYS B 85 22.38 5.67 -2.84
CA LYS B 85 22.30 5.67 -4.29
C LYS B 85 23.53 4.99 -4.83
N ARG B 86 23.34 3.96 -5.66
CA ARG B 86 24.48 3.28 -6.29
C ARG B 86 25.20 4.21 -7.27
N HIS B 96 20.05 3.68 -14.85
CA HIS B 96 19.69 4.81 -13.98
C HIS B 96 19.70 4.40 -12.53
N ASN B 97 20.18 5.32 -11.68
CA ASN B 97 20.31 5.05 -10.26
C ASN B 97 19.34 5.91 -9.49
N LEU B 98 18.33 5.27 -8.92
CA LEU B 98 17.34 5.92 -8.09
C LEU B 98 17.93 6.10 -6.71
N TYR B 99 17.41 7.09 -5.99
CA TYR B 99 17.65 7.16 -4.56
C TYR B 99 16.87 6.01 -3.90
N SER B 100 17.46 5.41 -2.87
CA SER B 100 16.78 4.35 -2.15
C SER B 100 16.74 4.63 -0.65
N LEU B 101 15.73 4.05 0.00
CA LEU B 101 15.45 4.26 1.40
C LEU B 101 15.18 2.88 1.95
N GLY B 102 16.11 2.39 2.75
CA GLY B 102 15.98 1.08 3.34
C GLY B 102 17.09 0.16 2.89
N ILE B 103 17.65 -0.57 3.84
CA ILE B 103 18.70 -1.54 3.57
C ILE B 103 18.13 -2.92 3.87
N GLY B 104 18.08 -3.76 2.84
CA GLY B 104 17.51 -5.08 2.98
C GLY B 104 18.46 -6.18 2.57
N GLY B 105 18.18 -7.39 3.04
CA GLY B 105 18.88 -8.57 2.58
C GLY B 105 18.14 -9.83 2.98
N HIS B 106 18.62 -10.96 2.49
CA HIS B 106 18.00 -12.25 2.80
C HIS B 106 18.45 -12.75 4.17
N VAL B 107 17.62 -13.58 4.80
CA VAL B 107 18.03 -14.27 6.01
C VAL B 107 18.58 -15.63 5.59
N ARG B 108 19.79 -15.94 6.06
CA ARG B 108 20.47 -17.18 5.65
C ARG B 108 20.29 -18.26 6.70
N GLU B 109 20.25 -19.49 6.25
CA GLU B 109 20.09 -20.66 7.13
C GLU B 109 21.10 -20.71 8.28
N GLY B 110 22.32 -20.24 8.01
CA GLY B 110 23.39 -20.21 9.00
C GLY B 110 23.32 -19.06 9.99
N ASP B 111 22.32 -18.19 9.86
CA ASP B 111 22.16 -17.08 10.79
C ASP B 111 21.61 -17.53 12.13
N GLY B 112 20.86 -18.63 12.16
CA GLY B 112 20.34 -19.17 13.41
C GLY B 112 19.72 -20.54 13.35
N ALA B 113 19.45 -21.10 14.53
CA ALA B 113 18.95 -22.47 14.68
C ALA B 113 17.45 -22.60 14.39
N THR B 114 16.75 -21.47 14.42
CA THR B 114 15.32 -21.41 14.10
C THR B 114 15.07 -20.16 13.26
N PRO B 115 13.94 -20.14 12.51
CA PRO B 115 13.54 -18.97 11.71
C PRO B 115 13.60 -17.64 12.44
N ARG B 116 13.12 -17.62 13.69
CA ARG B 116 13.12 -16.41 14.51
C ARG B 116 14.54 -15.97 14.85
N GLU B 117 15.34 -16.93 15.31
CA GLU B 117 16.73 -16.65 15.65
C GLU B 117 17.53 -16.22 14.43
N ALA B 118 17.33 -16.91 13.30
CA ALA B 118 18.03 -16.58 12.05
C ALA B 118 17.62 -15.19 11.57
N PHE B 119 16.33 -14.89 11.69
CA PHE B 119 15.80 -13.59 11.30
C PHE B 119 16.48 -12.47 12.08
N LEU B 120 16.48 -12.60 13.41
CA LEU B 120 17.02 -11.55 14.27
C LEU B 120 18.51 -11.30 14.04
N LYS B 121 19.30 -12.37 13.91
CA LYS B 121 20.73 -12.21 13.62
C LYS B 121 20.97 -11.75 12.18
N GLY B 122 20.22 -12.33 11.24
CA GLY B 122 20.30 -11.92 9.83
C GLY B 122 19.94 -10.47 9.61
N LEU B 123 18.94 -9.99 10.35
CA LEU B 123 18.57 -8.56 10.37
C LEU B 123 19.78 -7.69 10.74
N GLU B 124 20.46 -8.03 11.84
CA GLU B 124 21.67 -7.32 12.26
C GLU B 124 22.80 -7.45 11.23
N ARG B 125 23.07 -8.67 10.79
CA ARG B 125 24.13 -8.93 9.81
C ARG B 125 23.91 -8.15 8.52
N GLU B 126 22.72 -8.33 7.93
CA GLU B 126 22.26 -7.64 6.74
C GLU B 126 22.63 -6.15 6.75
N VAL B 127 22.27 -5.46 7.83
CA VAL B 127 22.57 -4.05 7.99
C VAL B 127 24.08 -3.79 8.11
N ASN B 128 24.77 -4.57 8.94
CA ASN B 128 26.21 -4.38 9.17
C ASN B 128 27.10 -4.65 7.96
N GLU B 129 26.65 -5.50 7.03
CA GLU B 129 27.35 -5.70 5.76
C GLU B 129 27.36 -4.44 4.89
N GLU B 130 26.33 -3.61 5.02
CA GLU B 130 26.17 -2.45 4.13
C GLU B 130 26.67 -1.15 4.75
N VAL B 131 26.47 -0.98 6.05
CA VAL B 131 26.76 0.30 6.68
C VAL B 131 27.39 0.14 8.05
N ASP B 132 28.20 1.12 8.42
CA ASP B 132 28.73 1.23 9.78
C ASP B 132 27.84 2.19 10.57
N VAL B 133 27.05 1.63 11.46
CA VAL B 133 26.10 2.39 12.28
C VAL B 133 26.09 1.82 13.69
N SER B 134 25.69 2.65 14.64
CA SER B 134 25.42 2.18 15.99
C SER B 134 23.96 2.49 16.36
N LEU B 135 23.12 1.46 16.37
CA LEU B 135 21.66 1.65 16.44
C LEU B 135 21.08 1.35 17.83
N ARG B 136 20.32 2.31 18.36
CA ARG B 136 19.56 2.15 19.61
C ARG B 136 18.46 1.12 19.43
N GLU B 137 17.29 1.60 19.01
CA GLU B 137 16.12 0.76 18.81
C GLU B 137 16.07 0.38 17.36
N LEU B 138 15.85 -0.91 17.12
CA LEU B 138 15.17 -1.31 15.89
C LEU B 138 13.71 -1.36 16.30
N GLU B 139 12.92 -0.49 15.69
CA GLU B 139 11.49 -0.46 15.94
C GLU B 139 10.87 -1.15 14.75
N PHE B 140 10.23 -2.30 14.97
CA PHE B 140 9.50 -2.96 13.91
C PHE B 140 8.23 -2.17 13.57
N LEU B 141 8.06 -1.84 12.30
CA LEU B 141 6.89 -1.08 11.86
C LEU B 141 5.81 -1.96 11.26
N GLY B 142 6.18 -2.93 10.44
CA GLY B 142 5.21 -3.83 9.83
C GLY B 142 5.75 -4.50 8.58
N LEU B 143 4.82 -4.90 7.71
CA LEU B 143 5.14 -5.68 6.53
C LEU B 143 4.89 -4.94 5.22
N ILE B 144 5.76 -5.18 4.26
CA ILE B 144 5.62 -4.64 2.90
C ILE B 144 5.36 -5.78 1.94
N ASN B 145 4.24 -5.70 1.23
CA ASN B 145 3.86 -6.71 0.26
C ASN B 145 3.36 -5.99 -0.96
N SER B 146 4.17 -5.94 -2.00
CA SER B 146 3.77 -5.26 -3.23
C SER B 146 3.98 -6.18 -4.40
N SER B 147 3.15 -6.00 -5.43
CA SER B 147 3.11 -6.95 -6.51
C SER B 147 3.47 -6.30 -7.83
N THR B 148 4.08 -5.12 -7.79
CA THR B 148 4.30 -4.34 -9.02
C THR B 148 5.52 -4.78 -9.86
N THR B 149 6.36 -5.69 -9.34
CA THR B 149 7.51 -6.19 -10.12
C THR B 149 7.72 -7.67 -9.85
N GLU B 150 8.51 -8.31 -10.72
CA GLU B 150 8.87 -9.72 -10.57
C GLU B 150 9.49 -9.97 -9.21
N VAL B 151 10.45 -9.13 -8.83
CA VAL B 151 11.14 -9.28 -7.56
C VAL B 151 10.16 -9.03 -6.40
N SER B 152 9.35 -7.97 -6.50
CA SER B 152 8.38 -7.64 -5.46
C SER B 152 7.46 -8.79 -5.11
N ARG B 153 6.95 -9.47 -6.14
CA ARG B 153 5.97 -10.54 -5.91
C ARG B 153 6.51 -11.76 -5.15
N VAL B 154 7.84 -11.93 -5.13
CA VAL B 154 8.46 -13.04 -4.40
C VAL B 154 9.15 -12.59 -3.12
N HIS B 155 8.99 -11.33 -2.73
CA HIS B 155 9.62 -10.78 -1.52
C HIS B 155 8.57 -10.29 -0.54
N LEU B 156 8.78 -10.62 0.74
CA LEU B 156 7.99 -10.05 1.83
C LEU B 156 8.92 -9.21 2.68
N GLY B 157 8.66 -7.91 2.77
CA GLY B 157 9.51 -7.02 3.54
C GLY B 157 9.07 -6.90 4.98
N ALA B 158 10.03 -6.93 5.91
CA ALA B 158 9.78 -6.67 7.31
C ALA B 158 10.44 -5.34 7.57
N LEU B 159 9.62 -4.29 7.68
CA LEU B 159 10.10 -2.92 7.78
C LEU B 159 10.40 -2.49 9.21
N PHE B 160 11.62 -2.03 9.42
CA PHE B 160 12.08 -1.47 10.69
C PHE B 160 12.58 -0.07 10.50
N LEU B 161 12.46 0.71 11.58
CA LEU B 161 13.12 1.99 11.72
C LEU B 161 14.25 1.80 12.74
N GLY B 162 15.48 2.02 12.30
CA GLY B 162 16.63 1.91 13.22
C GLY B 162 17.14 3.30 13.50
N ARG B 163 17.10 3.73 14.76
CA ARG B 163 17.61 5.04 15.12
C ARG B 163 19.00 4.87 15.76
N GLY B 164 19.95 5.71 15.36
CA GLY B 164 21.29 5.60 15.91
C GLY B 164 22.28 6.62 15.39
N LYS B 165 23.55 6.24 15.39
CA LYS B 165 24.58 7.05 14.80
C LYS B 165 25.00 6.35 13.53
N PHE B 166 25.00 7.09 12.42
CA PHE B 166 25.47 6.59 11.15
C PHE B 166 26.90 7.13 10.94
N PHE B 167 27.81 6.26 10.54
CA PHE B 167 29.20 6.65 10.32
C PHE B 167 29.56 6.66 8.85
N SER B 168 29.30 5.53 8.17
CA SER B 168 29.59 5.43 6.74
C SER B 168 28.99 4.18 6.10
N VAL B 169 29.07 4.11 4.79
CA VAL B 169 28.73 2.88 4.06
C VAL B 169 29.98 1.99 4.04
N LYS B 170 29.78 0.69 4.10
CA LYS B 170 30.90 -0.26 4.09
C LYS B 170 31.62 -0.19 2.74
N GLU B 171 30.84 -0.17 1.66
CA GLU B 171 31.41 -0.13 0.32
C GLU B 171 31.18 1.21 -0.35
N LYS B 172 32.13 2.12 -0.17
CA LYS B 172 32.04 3.48 -0.69
C LYS B 172 32.21 3.55 -2.21
N ASP B 173 32.68 2.45 -2.81
CA ASP B 173 32.71 2.30 -4.26
C ASP B 173 31.52 1.48 -4.77
N LEU B 174 30.51 1.26 -3.93
CA LEU B 174 29.24 0.68 -4.37
C LEU B 174 28.03 1.60 -4.13
N PHE B 175 28.14 2.52 -3.15
CA PHE B 175 27.04 3.41 -2.79
C PHE B 175 27.53 4.80 -2.42
N GLU B 176 26.71 5.80 -2.71
CA GLU B 176 26.83 7.07 -2.03
C GLU B 176 25.66 7.17 -1.08
N TRP B 177 25.78 8.06 -0.11
CA TRP B 177 24.77 8.23 0.91
C TRP B 177 24.58 9.72 1.18
N GLU B 178 23.44 10.02 1.78
CA GLU B 178 23.08 11.35 2.18
C GLU B 178 22.23 11.17 3.42
N LEU B 179 22.37 12.05 4.39
CA LEU B 179 21.42 12.12 5.50
C LEU B 179 20.55 13.33 5.20
N ILE B 180 19.25 13.11 5.02
CA ILE B 180 18.36 14.21 4.71
C ILE B 180 17.42 14.49 5.86
N LYS B 181 17.05 15.75 6.03
CA LYS B 181 16.05 16.12 7.02
C LYS B 181 14.71 15.51 6.63
N LEU B 182 13.92 15.15 7.63
CA LEU B 182 12.63 14.52 7.39
C LEU B 182 11.72 15.41 6.54
N GLU B 183 11.82 16.73 6.71
CA GLU B 183 11.00 17.66 5.89
C GLU B 183 11.46 17.74 4.43
N GLU B 184 12.56 17.06 4.10
CA GLU B 184 12.99 16.88 2.72
C GLU B 184 12.62 15.50 2.16
N LEU B 185 12.13 14.60 3.01
CA LEU B 185 11.88 13.24 2.58
C LEU B 185 10.72 13.17 1.57
N GLU B 186 9.71 14.03 1.72
CA GLU B 186 8.59 14.04 0.76
C GLU B 186 9.08 14.26 -0.69
N LYS B 187 10.00 15.21 -0.87
CA LYS B 187 10.65 15.47 -2.17
C LYS B 187 11.29 14.20 -2.74
N PHE B 188 12.12 13.55 -1.94
CA PHE B 188 12.80 12.32 -2.36
C PHE B 188 11.83 11.19 -2.64
N SER B 189 10.77 11.06 -1.85
CA SER B 189 9.78 10.01 -2.09
C SER B 189 9.13 10.14 -3.47
N GLY B 190 9.03 11.37 -3.96
CA GLY B 190 8.50 11.65 -5.26
C GLY B 190 9.28 11.02 -6.41
N VAL B 191 10.58 10.80 -6.23
CA VAL B 191 11.43 10.22 -7.29
C VAL B 191 11.88 8.79 -7.00
N MET B 192 11.43 8.23 -5.91
CA MET B 192 11.82 6.88 -5.55
C MET B 192 10.75 5.94 -6.05
N GLU B 193 11.04 4.64 -5.99
CA GLU B 193 10.13 3.61 -6.49
C GLU B 193 10.10 2.43 -5.52
N GLY B 194 9.18 1.49 -5.75
CA GLY B 194 9.19 0.23 -5.02
C GLY B 194 9.04 0.39 -3.52
N TRP B 195 9.80 -0.43 -2.78
CA TRP B 195 9.75 -0.44 -1.33
C TRP B 195 10.27 0.87 -0.75
N SER B 196 11.19 1.53 -1.45
CA SER B 196 11.68 2.84 -0.99
C SER B 196 10.55 3.86 -0.92
N LYS B 197 9.74 3.92 -1.97
CA LYS B 197 8.63 4.85 -2.03
C LYS B 197 7.59 4.53 -0.93
N ILE B 198 7.33 3.24 -0.75
CA ILE B 198 6.33 2.83 0.23
C ILE B 198 6.81 3.19 1.62
N SER B 199 8.07 2.87 1.88
CA SER B 199 8.68 3.11 3.18
C SER B 199 8.72 4.60 3.52
N ALA B 200 9.04 5.45 2.55
CA ALA B 200 8.99 6.89 2.74
C ALA B 200 7.59 7.35 3.18
N ALA B 201 6.55 6.85 2.53
CA ALA B 201 5.20 7.20 2.90
C ALA B 201 4.89 6.78 4.35
N VAL B 202 5.34 5.59 4.74
CA VAL B 202 5.10 5.07 6.09
C VAL B 202 5.80 5.94 7.12
N LEU B 203 7.06 6.26 6.85
CA LEU B 203 7.84 7.09 7.76
C LEU B 203 7.29 8.50 7.91
N LEU B 204 6.93 9.14 6.81
CA LEU B 204 6.33 10.47 6.86
C LEU B 204 5.04 10.46 7.67
N ASN B 205 4.22 9.42 7.51
CA ASN B 205 2.96 9.33 8.28
C ASN B 205 3.17 9.02 9.75
N LEU B 206 4.22 8.26 10.07
CA LEU B 206 4.60 8.04 11.47
C LEU B 206 4.95 9.36 12.14
N PHE B 207 5.63 10.23 11.41
CA PHE B 207 5.93 11.58 11.88
C PHE B 207 4.94 12.62 11.35
#